data_9C5D
#
_entry.id   9C5D
#
_cell.length_a   79.623
_cell.length_b   84.005
_cell.length_c   123.432
_cell.angle_alpha   90.00
_cell.angle_beta   90.00
_cell.angle_gamma   90.00
#
_symmetry.space_group_name_H-M   'P 21 21 21'
#
loop_
_entity.id
_entity.type
_entity.pdbx_description
1 polymer 'Peptidyl-prolyl cis-trans isomerase B'
2 non-polymer 'PENTAETHYLENE GLYCOL'
3 non-polymer 1,2-ETHANEDIOL
4 non-polymer 'TRIETHYLENE GLYCOL'
5 non-polymer 'ACETATE ION'
6 non-polymer DI(HYDROXYETHYL)ETHER
7 non-polymer 3,6,9,12,15,18,21,24,27-NONAOXANONACOSANE-1,29-DIOL
8 water water
#
_entity_poly.entity_id   1
_entity_poly.type   'polypeptide(L)'
_entity_poly.pdbx_seq_one_letter_code
;M(A1AVU)TFHTNHGDI(A1AVU)IKTFDDKAPET(A1AVU)KNFLDYCREGFYNNTIFHR(A1AVU)INGFMIQGGGFE
PGMKQKATKEPIKNEANNGLKNTRGTLAMARTQAPHSATAQFFIN(A1AVU)(A1AVU)DNDFLNFSGESLQGWGYC
(A1AVU)FAE(A1AVU)(A1AVU)DGMD(A1AVU)(A1AVU)DKIKG(A1AVU)ATGRSGMHQD(A1AVU)PKED
(A1AVU)IIES(A1AVU)T(A1AVU)SEHHHHHH
;
_entity_poly.pdbx_strand_id   A,B,C,D
#
# COMPACT_ATOMS: atom_id res chain seq x y z
N MET A 1 -36.57 1.01 -2.62
CA MET A 1 -35.69 2.07 -2.15
CA MET A 1 -35.71 2.07 -2.11
C MET A 1 -34.88 1.58 -0.95
N THR A 3 -32.16 3.19 2.05
CA THR A 3 -31.50 4.35 2.64
C THR A 3 -30.42 3.87 3.59
N PHE A 4 -29.18 4.32 3.37
CA PHE A 4 -28.09 4.04 4.30
C PHE A 4 -28.10 5.17 5.32
N HIS A 5 -28.32 4.85 6.58
CA HIS A 5 -28.28 5.84 7.65
C HIS A 5 -26.86 5.91 8.18
N THR A 6 -26.06 6.85 7.68
CA THR A 6 -24.66 6.95 8.07
C THR A 6 -24.49 7.97 9.19
N ASN A 7 -23.31 7.92 9.82
CA ASN A 7 -22.99 8.91 10.84
C ASN A 7 -22.74 10.30 10.26
N HIS A 8 -22.88 10.48 8.95
CA HIS A 8 -22.83 11.80 8.30
C HIS A 8 -24.11 12.15 7.58
N GLY A 9 -25.17 11.38 7.78
CA GLY A 9 -26.46 11.63 7.16
C GLY A 9 -26.91 10.47 6.31
N ASP A 10 -28.01 10.67 5.60
CA ASP A 10 -28.63 9.62 4.83
C ASP A 10 -28.17 9.62 3.39
N ILE A 11 -27.91 8.43 2.86
CA ILE A 11 -27.71 8.23 1.43
C ILE A 11 -28.89 7.43 0.92
N ILE A 13 -31.07 5.63 -2.04
CA ILE A 13 -30.71 4.88 -3.23
C ILE A 13 -31.94 4.25 -3.91
N LYS A 14 -32.04 4.44 -5.23
CA LYS A 14 -33.04 3.76 -6.06
C LYS A 14 -32.35 2.61 -6.77
N THR A 15 -32.93 1.41 -6.65
CA THR A 15 -32.34 0.21 -7.24
C THR A 15 -32.95 -0.07 -8.61
N PHE A 16 -32.13 -0.68 -9.48
CA PHE A 16 -32.55 -0.98 -10.85
C PHE A 16 -32.84 -2.48 -10.99
N ASP A 17 -33.94 -2.89 -10.36
CA ASP A 17 -34.22 -4.31 -10.14
C ASP A 17 -34.23 -5.11 -11.44
N ASP A 18 -34.91 -4.60 -12.46
CA ASP A 18 -35.09 -5.38 -13.69
C ASP A 18 -33.82 -5.41 -14.52
N LYS A 19 -32.95 -4.40 -14.38
CA LYS A 19 -31.71 -4.34 -15.14
C LYS A 19 -30.59 -5.14 -14.49
N ALA A 20 -30.68 -5.40 -13.19
CA ALA A 20 -29.65 -6.17 -12.49
C ALA A 20 -30.32 -7.04 -11.44
N PRO A 21 -31.12 -8.02 -11.87
CA PRO A 21 -31.97 -8.73 -10.91
C PRO A 21 -31.21 -9.53 -9.86
N GLU A 22 -30.18 -10.27 -10.25
CA GLU A 22 -29.44 -11.02 -9.25
C GLU A 22 -28.67 -10.09 -8.32
N THR A 23 -28.16 -8.99 -8.86
CA THR A 23 -27.39 -8.06 -8.07
C THR A 23 -28.26 -7.36 -7.05
N LYS A 25 -31.17 -8.43 -5.89
CA LYS A 25 -31.62 -9.39 -4.90
C LYS A 25 -30.56 -9.61 -3.81
N ASN A 26 -29.31 -9.79 -4.25
CA ASN A 26 -28.19 -9.98 -3.33
C ASN A 26 -28.04 -8.76 -2.41
N PHE A 27 -28.08 -7.56 -2.99
CA PHE A 27 -27.94 -6.33 -2.22
C PHE A 27 -29.07 -6.18 -1.20
N LEU A 28 -30.32 -6.36 -1.64
CA LEU A 28 -31.45 -6.19 -0.74
C LEU A 28 -31.46 -7.23 0.37
N ASP A 29 -31.03 -8.47 0.06
CA ASP A 29 -30.95 -9.49 1.10
C ASP A 29 -29.98 -9.06 2.20
N TYR A 30 -28.80 -8.57 1.82
CA TYR A 30 -27.86 -8.06 2.81
C TYR A 30 -28.46 -6.89 3.58
N CYS A 31 -29.13 -5.96 2.87
CA CYS A 31 -29.73 -4.81 3.55
C CYS A 31 -30.77 -5.27 4.58
N ARG A 32 -31.71 -6.11 4.15
CA ARG A 32 -32.83 -6.49 5.01
C ARG A 32 -32.36 -7.29 6.22
N GLU A 33 -31.32 -8.11 6.04
CA GLU A 33 -30.82 -8.96 7.10
C GLU A 33 -29.92 -8.22 8.09
N GLY A 34 -29.65 -6.94 7.85
CA GLY A 34 -28.84 -6.14 8.74
C GLY A 34 -27.35 -6.25 8.50
N PHE A 35 -26.93 -6.86 7.39
CA PHE A 35 -25.51 -7.09 7.14
C PHE A 35 -24.72 -5.79 7.10
N TYR A 36 -25.30 -4.73 6.53
CA TYR A 36 -24.55 -3.49 6.39
C TYR A 36 -24.58 -2.64 7.65
N ASN A 37 -25.35 -3.03 8.65
CA ASN A 37 -25.38 -2.28 9.90
C ASN A 37 -24.01 -2.38 10.58
N ASN A 38 -23.51 -1.24 11.03
CA ASN A 38 -22.18 -1.15 11.64
C ASN A 38 -21.06 -1.56 10.69
N THR A 39 -21.22 -1.28 9.38
CA THR A 39 -20.11 -1.39 8.45
C THR A 39 -19.63 0.00 8.06
N ILE A 40 -18.44 0.08 7.49
CA ILE A 40 -17.81 1.37 7.22
C ILE A 40 -17.60 1.55 5.73
N PHE A 41 -17.34 2.81 5.35
CA PHE A 41 -16.77 3.10 4.02
C PHE A 41 -15.27 3.03 4.23
N HIS A 42 -14.66 1.92 3.82
CA HIS A 42 -13.26 1.63 4.13
C HIS A 42 -12.27 2.09 3.07
N ARG A 43 -12.75 2.57 1.93
CA ARG A 43 -11.87 2.95 0.84
C ARG A 43 -12.48 4.16 0.15
N ILE A 45 -11.61 7.43 -2.23
CA ILE A 45 -10.66 8.05 -3.14
C ILE A 45 -11.35 9.23 -3.81
N ASN A 46 -10.99 10.42 -3.38
CA ASN A 46 -11.61 11.62 -3.94
C ASN A 46 -11.35 11.67 -5.44
N GLY A 47 -12.33 12.16 -6.19
CA GLY A 47 -12.22 12.16 -7.63
C GLY A 47 -12.39 10.80 -8.28
N PHE A 48 -12.83 9.78 -7.54
CA PHE A 48 -13.00 8.45 -8.10
C PHE A 48 -14.28 7.82 -7.56
N MET A 49 -14.22 7.30 -6.33
CA MET A 49 -15.37 6.62 -5.74
C MET A 49 -15.18 6.46 -4.24
N ILE A 50 -16.27 6.12 -3.56
CA ILE A 50 -16.25 5.69 -2.17
C ILE A 50 -16.80 4.28 -2.07
N GLN A 51 -16.14 3.42 -1.28
CA GLN A 51 -16.43 2.00 -1.26
C GLN A 51 -16.68 1.52 0.16
N GLY A 52 -17.71 0.67 0.32
CA GLY A 52 -18.03 0.11 1.61
C GLY A 52 -18.70 -1.24 1.54
N GLY A 53 -19.36 -1.63 2.62
CA GLY A 53 -20.15 -2.85 2.63
C GLY A 53 -19.40 -4.13 2.96
N GLY A 54 -18.20 -4.04 3.53
CA GLY A 54 -17.44 -5.24 3.83
C GLY A 54 -16.85 -5.32 5.22
N PHE A 55 -16.57 -4.19 5.86
CA PHE A 55 -15.76 -4.16 7.08
C PHE A 55 -16.50 -3.47 8.21
N GLU A 56 -16.33 -3.97 9.43
CA GLU A 56 -16.76 -3.30 10.64
C GLU A 56 -15.64 -2.39 11.14
N PRO A 57 -15.95 -1.44 12.04
CA PRO A 57 -14.89 -0.61 12.64
C PRO A 57 -13.75 -1.46 13.18
N GLY A 58 -12.54 -0.97 12.98
CA GLY A 58 -11.35 -1.76 13.25
C GLY A 58 -10.87 -2.56 12.06
N MET A 59 -11.46 -2.35 10.88
CA MET A 59 -11.12 -3.09 9.66
C MET A 59 -11.31 -4.59 9.82
N LYS A 60 -12.47 -4.97 10.34
CA LYS A 60 -12.80 -6.37 10.56
C LYS A 60 -13.70 -6.83 9.41
N GLN A 61 -13.19 -7.71 8.55
CA GLN A 61 -13.92 -8.13 7.36
C GLN A 61 -14.93 -9.22 7.72
N LYS A 62 -16.21 -8.98 7.40
CA LYS A 62 -17.27 -9.92 7.74
C LYS A 62 -17.33 -11.09 6.76
N ALA A 63 -17.80 -12.23 7.25
CA ALA A 63 -18.12 -13.35 6.36
C ALA A 63 -19.29 -12.97 5.45
N THR A 64 -19.20 -13.35 4.18
CA THR A 64 -20.23 -13.07 3.20
C THR A 64 -20.83 -14.37 2.67
N LYS A 65 -21.94 -14.22 1.95
CA LYS A 65 -22.48 -15.33 1.19
C LYS A 65 -21.64 -15.53 -0.07
N GLU A 66 -21.94 -16.61 -0.79
CA GLU A 66 -21.17 -16.87 -2.02
C GLU A 66 -21.38 -15.76 -3.04
N PRO A 67 -20.44 -15.61 -3.97
CA PRO A 67 -20.49 -14.49 -4.91
C PRO A 67 -21.56 -14.65 -5.97
N ILE A 68 -21.82 -13.53 -6.66
CA ILE A 68 -22.90 -13.42 -7.62
C ILE A 68 -22.37 -13.24 -9.04
N LYS A 69 -23.21 -13.61 -9.99
CA LYS A 69 -22.95 -13.35 -11.41
C LYS A 69 -22.78 -11.85 -11.64
N ASN A 70 -21.84 -11.52 -12.53
CA ASN A 70 -21.66 -10.15 -12.97
C ASN A 70 -22.74 -9.79 -13.99
N GLU A 71 -23.57 -8.79 -13.69
CA GLU A 71 -24.62 -8.35 -14.59
C GLU A 71 -24.26 -7.07 -15.32
N ALA A 72 -22.96 -6.77 -15.43
CA ALA A 72 -22.54 -5.51 -16.04
C ALA A 72 -22.89 -5.41 -17.51
N ASN A 73 -23.19 -6.52 -18.18
CA ASN A 73 -23.66 -6.47 -19.56
C ASN A 73 -25.08 -5.94 -19.70
N ASN A 74 -25.58 -5.21 -18.71
CA ASN A 74 -26.92 -4.64 -18.73
C ASN A 74 -26.97 -3.25 -19.35
N GLY A 75 -25.84 -2.73 -19.83
CA GLY A 75 -25.81 -1.44 -20.48
C GLY A 75 -25.80 -0.24 -19.55
N LEU A 76 -25.87 -0.45 -18.23
CA LEU A 76 -25.84 0.69 -17.31
C LEU A 76 -24.40 1.14 -17.08
N LYS A 77 -24.24 2.45 -16.91
CA LYS A 77 -22.93 3.07 -16.89
C LYS A 77 -22.58 3.62 -15.52
N ASN A 78 -21.28 3.64 -15.24
CA ASN A 78 -20.73 4.10 -13.96
C ASN A 78 -20.61 5.62 -13.91
N THR A 79 -21.75 6.30 -14.05
CA THR A 79 -21.77 7.75 -13.97
C THR A 79 -21.84 8.20 -12.52
N ARG A 80 -21.52 9.47 -12.28
CA ARG A 80 -21.53 10.01 -10.92
C ARG A 80 -22.84 9.73 -10.22
N GLY A 81 -22.77 9.16 -9.01
CA GLY A 81 -23.93 8.87 -8.23
C GLY A 81 -24.43 7.44 -8.34
N THR A 82 -23.98 6.68 -9.34
CA THR A 82 -24.39 5.29 -9.43
C THR A 82 -23.64 4.42 -8.42
N LEU A 83 -24.29 3.32 -8.03
CA LEU A 83 -23.65 2.26 -7.25
C LEU A 83 -23.32 1.10 -8.17
N ALA A 84 -22.15 0.51 -7.95
CA ALA A 84 -21.72 -0.69 -8.65
C ALA A 84 -21.12 -1.64 -7.64
N MET A 85 -21.06 -2.93 -8.02
CA MET A 85 -20.41 -3.91 -7.15
C MET A 85 -18.91 -3.95 -7.25
N ALA A 86 -18.25 -3.85 -6.09
CA ALA A 86 -16.84 -4.17 -6.03
C ALA A 86 -16.67 -5.67 -6.21
N ARG A 87 -15.49 -6.06 -6.65
CA ARG A 87 -15.21 -7.47 -6.89
C ARG A 87 -13.69 -7.62 -6.99
N THR A 88 -13.25 -8.88 -7.00
CA THR A 88 -11.85 -9.16 -7.26
C THR A 88 -11.69 -9.51 -8.74
N GLN A 89 -10.59 -10.18 -9.10
CA GLN A 89 -10.22 -10.31 -10.50
C GLN A 89 -11.26 -11.08 -11.30
N ALA A 90 -11.81 -12.15 -10.73
CA ALA A 90 -12.75 -12.98 -11.47
C ALA A 90 -14.07 -12.25 -11.68
N PRO A 91 -14.67 -12.33 -12.87
CA PRO A 91 -15.86 -11.50 -13.13
C PRO A 91 -17.01 -11.77 -12.18
N HIS A 92 -17.22 -13.02 -11.78
CA HIS A 92 -18.37 -13.40 -10.96
C HIS A 92 -18.01 -13.52 -9.48
N SER A 93 -17.21 -12.58 -8.98
CA SER A 93 -16.68 -12.66 -7.63
C SER A 93 -17.28 -11.65 -6.65
N ALA A 94 -18.23 -10.81 -7.07
CA ALA A 94 -18.79 -9.82 -6.17
C ALA A 94 -19.58 -10.50 -5.05
N THR A 95 -19.47 -9.94 -3.84
CA THR A 95 -20.22 -10.46 -2.69
C THR A 95 -21.03 -9.31 -2.12
N ALA A 96 -20.56 -8.64 -1.08
CA ALA A 96 -21.32 -7.60 -0.41
C ALA A 96 -20.81 -6.19 -0.66
N GLN A 97 -19.55 -6.02 -1.06
CA GLN A 97 -18.99 -4.68 -1.15
C GLN A 97 -19.49 -3.96 -2.40
N PHE A 98 -19.76 -2.67 -2.24
CA PHE A 98 -20.24 -1.84 -3.33
C PHE A 98 -19.46 -0.52 -3.28
N PHE A 99 -19.58 0.25 -4.35
CA PHE A 99 -19.00 1.57 -4.38
C PHE A 99 -19.94 2.54 -5.06
N ILE A 100 -19.79 3.82 -4.70
CA ILE A 100 -20.54 4.92 -5.28
C ILE A 100 -19.56 5.74 -6.12
N ASN A 101 -19.83 5.84 -7.42
CA ASN A 101 -19.01 6.66 -8.30
C ASN A 101 -19.19 8.13 -7.93
N ASP A 104 -17.93 10.55 -13.22
CA ASP A 104 -18.19 9.55 -14.26
C ASP A 104 -16.90 8.74 -14.43
N ASN A 105 -17.00 7.42 -14.29
CA ASN A 105 -15.85 6.51 -14.41
C ASN A 105 -16.10 5.55 -15.59
N ASP A 106 -15.95 6.09 -16.82
CA ASP A 106 -16.23 5.31 -18.03
C ASP A 106 -15.36 4.07 -18.11
N PHE A 107 -14.13 4.13 -17.59
CA PHE A 107 -13.20 3.02 -17.65
C PHE A 107 -13.66 1.80 -16.87
N LEU A 108 -14.69 1.94 -16.01
CA LEU A 108 -15.26 0.83 -15.27
C LEU A 108 -16.37 0.12 -16.01
N ASN A 109 -16.80 0.63 -17.16
CA ASN A 109 -17.98 0.11 -17.84
C ASN A 109 -17.67 -1.16 -18.62
N PHE A 110 -18.62 -2.09 -18.59
CA PHE A 110 -18.54 -3.32 -19.36
C PHE A 110 -18.26 -3.00 -20.81
N SER A 111 -17.36 -3.78 -21.41
CA SER A 111 -17.09 -3.73 -22.84
C SER A 111 -17.07 -5.10 -23.50
N GLY A 112 -17.13 -6.19 -22.74
CA GLY A 112 -17.10 -7.53 -23.31
C GLY A 112 -17.00 -8.59 -22.23
N GLU A 113 -17.48 -9.79 -22.52
CA GLU A 113 -17.45 -10.89 -21.55
C GLU A 113 -16.05 -11.50 -21.57
N SER A 114 -15.14 -10.79 -20.91
CA SER A 114 -13.72 -11.15 -20.88
C SER A 114 -13.13 -10.66 -19.57
N LEU A 115 -11.90 -11.12 -19.29
CA LEU A 115 -11.25 -10.74 -18.04
C LEU A 115 -11.00 -9.24 -17.96
N GLN A 116 -10.59 -8.63 -19.08
CA GLN A 116 -10.32 -7.20 -19.09
C GLN A 116 -11.54 -6.36 -19.44
N GLY A 117 -12.60 -6.98 -19.96
CA GLY A 117 -13.74 -6.21 -20.43
C GLY A 117 -14.99 -6.28 -19.58
N TRP A 118 -15.05 -7.19 -18.61
CA TRP A 118 -16.29 -7.42 -17.86
C TRP A 118 -16.74 -6.18 -17.10
N GLY A 119 -15.80 -5.42 -16.55
CA GLY A 119 -16.18 -4.19 -15.89
C GLY A 119 -16.93 -4.42 -14.58
N TYR A 120 -17.63 -3.37 -14.15
CA TYR A 120 -18.26 -3.33 -12.84
C TYR A 120 -19.74 -3.04 -12.99
N CYS A 121 -20.56 -3.87 -12.36
CA CYS A 121 -21.99 -3.87 -12.57
C CYS A 121 -22.71 -2.79 -11.78
N PHE A 123 -26.08 -1.14 -10.48
CA PHE A 123 -27.34 -1.70 -10.05
C PHE A 123 -28.26 -0.72 -9.32
N ALA A 124 -27.81 0.50 -9.08
CA ALA A 124 -28.61 1.46 -8.33
C ALA A 124 -27.98 2.84 -8.50
N GLU A 125 -28.66 3.85 -7.96
CA GLU A 125 -28.14 5.21 -7.99
C GLU A 125 -28.64 6.03 -6.82
N ASP A 128 -30.91 11.01 -3.40
CA ASP A 128 -30.80 12.10 -2.43
C ASP A 128 -29.63 11.75 -1.52
N GLY A 129 -28.90 12.76 -1.07
CA GLY A 129 -27.75 12.52 -0.22
C GLY A 129 -26.42 12.57 -0.92
N MET A 130 -26.35 13.05 -2.16
CA MET A 130 -25.04 13.27 -2.75
C MET A 130 -24.21 14.27 -1.95
N ASP A 131 -24.85 15.18 -1.21
CA ASP A 131 -24.08 16.05 -0.31
C ASP A 131 -23.35 15.23 0.76
N ASP A 134 -20.46 13.53 -0.98
CA ASP A 134 -19.41 14.51 -1.24
C ASP A 134 -18.64 14.91 0.03
N LYS A 135 -19.31 14.86 1.18
CA LYS A 135 -18.59 15.04 2.44
C LYS A 135 -17.66 13.86 2.71
N ILE A 136 -18.15 12.64 2.52
CA ILE A 136 -17.34 11.45 2.75
C ILE A 136 -16.10 11.44 1.86
N LYS A 137 -16.25 11.81 0.59
CA LYS A 137 -15.13 11.67 -0.34
C LYS A 137 -13.97 12.58 0.01
N GLY A 138 -14.18 13.63 0.79
CA GLY A 138 -13.12 14.56 1.11
C GLY A 138 -12.42 14.36 2.44
N ALA A 140 -9.93 12.95 5.48
CA ALA A 140 -8.55 12.51 5.56
C ALA A 140 -8.49 10.98 5.60
N THR A 141 -7.52 10.42 4.87
CA THR A 141 -7.37 8.97 4.77
C THR A 141 -5.91 8.57 5.01
N GLY A 142 -5.71 7.28 5.21
CA GLY A 142 -4.38 6.74 5.42
C GLY A 142 -4.39 5.24 5.25
N ARG A 143 -3.28 4.62 5.62
CA ARG A 143 -3.10 3.20 5.41
C ARG A 143 -3.60 2.40 6.61
N SER A 144 -4.13 1.21 6.33
CA SER A 144 -4.37 0.19 7.36
C SER A 144 -3.84 -1.12 6.79
N GLY A 145 -2.61 -1.47 7.14
CA GLY A 145 -2.03 -2.69 6.60
C GLY A 145 -1.91 -2.63 5.09
N MET A 146 -2.49 -3.65 4.43
CA MET A 146 -2.55 -3.71 2.97
C MET A 146 -3.46 -2.64 2.38
N HIS A 147 -4.37 -2.08 3.17
CA HIS A 147 -5.40 -1.17 2.65
C HIS A 147 -4.89 0.26 2.59
N GLN A 148 -5.21 0.94 1.49
CA GLN A 148 -4.94 2.35 1.33
C GLN A 148 -6.27 3.11 1.30
N ASP A 149 -6.20 4.41 1.55
CA ASP A 149 -7.37 5.27 1.41
C ASP A 149 -8.45 4.96 2.44
N PRO A 151 -10.47 5.95 5.69
CA PRO A 151 -10.70 7.16 6.50
C PRO A 151 -10.09 7.07 7.90
N LYS A 152 -9.46 8.15 8.35
CA LYS A 152 -8.86 8.17 9.67
C LYS A 152 -9.91 8.13 10.77
N GLU A 153 -11.05 8.79 10.56
CA GLU A 153 -12.21 8.66 11.44
C GLU A 153 -13.28 7.86 10.72
N ASP A 154 -13.86 6.89 11.43
CA ASP A 154 -14.77 5.94 10.79
C ASP A 154 -16.01 6.59 10.20
N ILE A 156 -19.46 5.44 9.12
CA ILE A 156 -20.23 4.26 9.49
C ILE A 156 -21.63 4.26 8.95
N ILE A 157 -22.04 3.15 8.33
CA ILE A 157 -23.44 2.88 8.07
C ILE A 157 -24.02 2.29 9.35
N GLU A 158 -24.87 3.06 10.04
CA GLU A 158 -25.43 2.61 11.31
C GLU A 158 -26.57 1.63 11.10
N SER A 159 -27.45 1.92 10.17
CA SER A 159 -28.61 1.10 9.93
C SER A 159 -29.06 1.38 8.53
N THR A 161 -32.73 1.38 5.86
CA THR A 161 -34.17 1.28 5.71
C THR A 161 -34.45 0.81 4.29
N SER A 163 -37.48 -0.04 1.66
CA SER A 163 -38.90 0.00 1.34
C SER A 163 -39.13 -0.61 -0.04
N GLU A 164 -40.10 -1.52 -0.14
CA GLU A 164 -40.38 -2.19 -1.40
C GLU A 164 -41.87 -2.17 -1.68
N HIS A 165 -42.21 -2.31 -2.97
CA HIS A 165 -43.59 -2.34 -3.42
C HIS A 165 -44.15 -3.75 -3.31
N MET B 1 27.35 -4.42 -20.03
CA MET B 1 26.87 -3.10 -20.39
CA MET B 1 26.85 -3.10 -20.37
C MET B 1 25.65 -3.18 -21.30
N THR B 3 23.29 -0.66 -23.87
CA THR B 3 23.02 0.65 -24.47
C THR B 3 21.61 0.68 -25.03
N PHE B 4 20.80 1.62 -24.56
CA PHE B 4 19.51 1.90 -25.18
C PHE B 4 19.76 2.90 -26.30
N HIS B 5 19.49 2.50 -27.53
CA HIS B 5 19.59 3.40 -28.67
C HIS B 5 18.23 4.05 -28.83
N THR B 6 18.04 5.25 -28.26
CA THR B 6 16.75 5.91 -28.35
C THR B 6 16.73 6.88 -29.53
N ASN B 7 15.53 7.34 -29.89
CA ASN B 7 15.44 8.34 -30.94
C ASN B 7 15.89 9.72 -30.49
N HIS B 8 16.33 9.87 -29.24
CA HIS B 8 16.97 11.08 -28.75
C HIS B 8 18.46 10.88 -28.46
N GLY B 9 19.01 9.70 -28.75
CA GLY B 9 20.41 9.41 -28.48
C GLY B 9 20.58 8.16 -27.62
N ASP B 10 21.86 7.85 -27.36
CA ASP B 10 22.22 6.62 -26.65
C ASP B 10 22.29 6.83 -25.14
N ILE B 11 21.78 5.86 -24.39
CA ILE B 11 21.91 5.81 -22.93
C ILE B 11 22.69 4.54 -22.61
N ILE B 13 24.34 2.00 -19.90
CA ILE B 13 23.99 1.55 -18.55
C ILE B 13 24.90 0.42 -18.09
N LYS B 14 25.44 0.56 -16.88
CA LYS B 14 26.18 -0.49 -16.21
C LYS B 14 25.30 -1.11 -15.12
N THR B 15 25.21 -2.43 -15.09
CA THR B 15 24.38 -3.12 -14.11
C THR B 15 25.16 -3.45 -12.84
N PHE B 16 24.44 -3.58 -11.73
CA PHE B 16 25.03 -3.85 -10.43
C PHE B 16 24.76 -5.30 -10.05
N ASP B 17 25.43 -6.21 -10.76
CA ASP B 17 25.09 -7.63 -10.69
C ASP B 17 25.19 -8.17 -9.27
N ASP B 18 26.22 -7.77 -8.51
CA ASP B 18 26.38 -8.30 -7.16
C ASP B 18 25.23 -7.86 -6.24
N LYS B 19 24.79 -6.62 -6.39
CA LYS B 19 23.86 -6.01 -5.44
C LYS B 19 22.40 -6.29 -5.74
N ALA B 20 22.07 -6.70 -6.96
CA ALA B 20 20.67 -6.94 -7.34
C ALA B 20 20.64 -8.09 -8.33
N PRO B 21 21.03 -9.30 -7.92
CA PRO B 21 21.20 -10.38 -8.91
C PRO B 21 19.93 -10.77 -9.64
N GLU B 22 18.81 -10.95 -8.92
CA GLU B 22 17.58 -11.34 -9.61
C GLU B 22 17.09 -10.21 -10.50
N THR B 23 17.25 -8.98 -10.06
CA THR B 23 16.79 -7.82 -10.81
C THR B 23 17.61 -7.65 -12.08
N LYS B 25 19.30 -10.04 -13.65
CA LYS B 25 19.04 -11.15 -14.57
C LYS B 25 17.72 -10.90 -15.33
N ASN B 26 16.69 -10.47 -14.59
CA ASN B 26 15.41 -10.13 -15.21
C ASN B 26 15.59 -9.04 -16.26
N PHE B 27 16.32 -7.97 -15.92
CA PHE B 27 16.53 -6.85 -16.82
C PHE B 27 17.31 -7.27 -18.07
N LEU B 28 18.41 -7.99 -17.88
CA LEU B 28 19.23 -8.40 -19.02
C LEU B 28 18.50 -9.39 -19.92
N ASP B 29 17.68 -10.28 -19.32
CA ASP B 29 16.87 -11.16 -20.14
C ASP B 29 15.94 -10.38 -21.05
N TYR B 30 15.23 -9.39 -20.50
CA TYR B 30 14.37 -8.56 -21.33
C TYR B 30 15.16 -7.84 -22.41
N CYS B 31 16.35 -7.31 -22.06
CA CYS B 31 17.17 -6.64 -23.06
C CYS B 31 17.53 -7.58 -24.20
N ARG B 32 18.05 -8.77 -23.88
CA ARG B 32 18.56 -9.69 -24.89
C ARG B 32 17.44 -10.28 -25.73
N GLU B 33 16.25 -10.41 -25.17
CA GLU B 33 15.10 -10.94 -25.89
C GLU B 33 14.43 -9.90 -26.76
N GLY B 34 14.92 -8.66 -26.77
CA GLY B 34 14.32 -7.62 -27.56
C GLY B 34 13.09 -6.98 -26.95
N PHE B 35 12.80 -7.26 -25.68
CA PHE B 35 11.55 -6.76 -25.09
C PHE B 35 11.52 -5.23 -25.07
N TYR B 36 12.65 -4.59 -24.80
CA TYR B 36 12.65 -3.15 -24.67
C TYR B 36 12.66 -2.44 -26.02
N ASN B 37 12.97 -3.15 -27.09
CA ASN B 37 12.94 -2.53 -28.40
C ASN B 37 11.50 -2.14 -28.75
N ASN B 38 11.34 -0.94 -29.31
CA ASN B 38 10.04 -0.36 -29.63
C ASN B 38 9.18 -0.09 -28.40
N THR B 39 9.78 0.01 -27.22
CA THR B 39 9.05 0.55 -26.08
C THR B 39 9.40 2.02 -25.91
N ILE B 40 8.52 2.72 -25.22
CA ILE B 40 8.65 4.17 -25.07
C ILE B 40 8.96 4.52 -23.63
N PHE B 41 9.40 5.77 -23.42
CA PHE B 41 9.39 6.35 -22.08
C PHE B 41 8.03 6.98 -21.91
N HIS B 42 7.12 6.27 -21.23
CA HIS B 42 5.72 6.66 -21.22
C HIS B 42 5.36 7.57 -20.06
N ARG B 43 6.27 7.78 -19.11
CA ARG B 43 5.97 8.59 -17.95
C ARG B 43 7.20 9.42 -17.65
N ILE B 45 8.57 12.87 -15.78
CA ILE B 45 8.29 13.93 -14.81
C ILE B 45 9.59 14.67 -14.52
N ASN B 46 9.72 15.89 -15.03
CA ASN B 46 10.94 16.66 -14.84
C ASN B 46 11.16 16.89 -13.35
N GLY B 47 12.44 16.84 -12.95
CA GLY B 47 12.77 16.96 -11.55
C GLY B 47 12.44 15.73 -10.73
N PHE B 48 12.15 14.60 -11.38
CA PHE B 48 11.81 13.36 -10.68
C PHE B 48 12.48 12.18 -11.38
N MET B 49 11.88 11.67 -12.45
CA MET B 49 12.41 10.49 -13.11
C MET B 49 11.79 10.37 -14.50
N ILE B 50 12.40 9.54 -15.33
CA ILE B 50 11.83 9.11 -16.59
C ILE B 50 11.62 7.60 -16.52
N GLN B 51 10.45 7.14 -16.95
CA GLN B 51 10.05 5.75 -16.76
C GLN B 51 9.68 5.14 -18.11
N GLY B 52 10.11 3.91 -18.33
CA GLY B 52 9.80 3.21 -19.56
C GLY B 52 9.78 1.71 -19.37
N GLY B 53 9.94 0.98 -20.47
CA GLY B 53 10.01 -0.46 -20.41
C GLY B 53 8.71 -1.21 -20.32
N GLY B 54 7.59 -0.59 -20.68
CA GLY B 54 6.31 -1.27 -20.57
C GLY B 54 5.38 -1.19 -21.76
N PHE B 55 5.47 -0.10 -22.53
CA PHE B 55 4.46 0.23 -23.53
C PHE B 55 5.10 0.47 -24.88
N GLU B 56 4.41 0.04 -25.91
CA GLU B 56 4.74 0.39 -27.28
C GLU B 56 4.01 1.67 -27.67
N PRO B 57 4.42 2.33 -28.76
CA PRO B 57 3.70 3.51 -29.22
C PRO B 57 2.21 3.23 -29.38
N GLY B 58 1.39 4.21 -29.06
CA GLY B 58 -0.03 4.00 -28.93
C GLY B 58 -0.45 3.51 -27.56
N MET B 59 0.50 3.39 -26.62
CA MET B 59 0.24 3.01 -25.24
C MET B 59 -0.26 1.56 -25.17
N LYS B 60 0.30 0.68 -26.00
CA LYS B 60 -0.03 -0.74 -25.97
C LYS B 60 0.91 -1.44 -25.00
N GLN B 61 0.36 -1.93 -23.89
CA GLN B 61 1.19 -2.49 -22.83
C GLN B 61 1.58 -3.92 -23.21
N LYS B 62 2.88 -4.20 -23.22
CA LYS B 62 3.36 -5.54 -23.58
C LYS B 62 3.11 -6.54 -22.46
N ALA B 63 2.82 -7.77 -22.85
CA ALA B 63 2.75 -8.86 -21.89
C ALA B 63 4.14 -9.09 -21.29
N THR B 64 4.17 -9.35 -19.98
CA THR B 64 5.42 -9.53 -19.26
C THR B 64 5.49 -10.93 -18.66
N LYS B 65 6.69 -11.28 -18.20
CA LYS B 65 6.92 -12.47 -17.42
C LYS B 65 6.44 -12.25 -15.98
N GLU B 66 6.54 -13.30 -15.16
CA GLU B 66 6.17 -13.19 -13.76
C GLU B 66 6.98 -12.10 -13.08
N PRO B 67 6.43 -11.45 -12.06
CA PRO B 67 7.15 -10.40 -11.34
C PRO B 67 8.31 -10.96 -10.52
N ILE B 68 9.17 -10.05 -10.07
CA ILE B 68 10.41 -10.37 -9.37
C ILE B 68 10.38 -9.84 -7.95
N LYS B 69 11.16 -10.50 -7.10
CA LYS B 69 11.34 -10.02 -5.74
C LYS B 69 12.01 -8.65 -5.74
N ASN B 70 11.64 -7.85 -4.75
CA ASN B 70 12.25 -6.55 -4.53
C ASN B 70 13.61 -6.76 -3.85
N GLU B 71 14.68 -6.27 -4.47
CA GLU B 71 16.02 -6.36 -3.89
C GLU B 71 16.50 -5.02 -3.31
N ALA B 72 15.58 -4.12 -2.97
CA ALA B 72 15.98 -2.79 -2.52
C ALA B 72 16.70 -2.80 -1.17
N ASN B 73 16.62 -3.90 -0.43
CA ASN B 73 17.37 -4.03 0.81
C ASN B 73 18.87 -4.18 0.58
N ASN B 74 19.33 -3.91 -0.63
CA ASN B 74 20.76 -3.95 -0.96
C ASN B 74 21.52 -2.70 -0.57
N GLY B 75 20.85 -1.71 0.03
CA GLY B 75 21.52 -0.51 0.49
C GLY B 75 21.80 0.53 -0.56
N LEU B 76 21.50 0.29 -1.83
CA LEU B 76 21.80 1.27 -2.86
C LEU B 76 20.73 2.35 -2.91
N LYS B 77 21.15 3.58 -3.10
CA LYS B 77 20.26 4.74 -3.08
C LYS B 77 19.86 5.18 -4.48
N ASN B 78 18.67 5.76 -4.58
CA ASN B 78 18.10 6.29 -5.83
C ASN B 78 18.71 7.65 -6.18
N THR B 79 20.03 7.66 -6.32
CA THR B 79 20.75 8.88 -6.68
C THR B 79 20.57 9.18 -8.18
N ARG B 80 20.78 10.44 -8.54
CA ARG B 80 20.66 10.85 -9.94
C ARG B 80 21.49 9.96 -10.84
N GLY B 81 20.87 9.44 -11.90
CA GLY B 81 21.52 8.58 -12.85
C GLY B 81 21.30 7.09 -12.62
N THR B 82 20.84 6.70 -11.44
CA THR B 82 20.56 5.28 -11.20
C THR B 82 19.25 4.85 -11.84
N LEU B 83 19.18 3.55 -12.16
CA LEU B 83 17.98 2.89 -12.61
C LEU B 83 17.40 2.11 -11.45
N ALA B 84 16.08 2.16 -11.32
CA ALA B 84 15.36 1.37 -10.34
C ALA B 84 14.12 0.77 -11.01
N MET B 85 13.54 -0.24 -10.36
CA MET B 85 12.40 -0.94 -10.93
C MET B 85 11.11 -0.23 -10.51
N ALA B 86 10.26 0.07 -11.49
CA ALA B 86 8.90 0.51 -11.18
C ALA B 86 8.08 -0.68 -10.67
N ARG B 87 7.02 -0.37 -9.92
CA ARG B 87 6.21 -1.41 -9.33
C ARG B 87 4.93 -0.77 -8.82
N THR B 88 3.96 -1.63 -8.48
CA THR B 88 2.76 -1.20 -7.77
C THR B 88 3.05 -1.17 -6.27
N GLN B 89 2.01 -0.98 -5.46
CA GLN B 89 2.21 -0.92 -4.02
C GLN B 89 2.67 -2.26 -3.45
N ALA B 90 2.46 -3.36 -4.17
CA ALA B 90 2.98 -4.64 -3.73
C ALA B 90 4.49 -4.65 -3.94
N PRO B 91 5.29 -4.88 -2.90
CA PRO B 91 6.76 -4.74 -3.07
C PRO B 91 7.34 -5.65 -4.13
N HIS B 92 6.79 -6.85 -4.32
CA HIS B 92 7.35 -7.84 -5.24
C HIS B 92 6.62 -7.88 -6.57
N SER B 93 6.16 -6.73 -7.05
CA SER B 93 5.34 -6.66 -8.24
C SER B 93 6.08 -6.17 -9.49
N ALA B 94 7.37 -5.82 -9.40
CA ALA B 94 8.08 -5.32 -10.58
C ALA B 94 8.15 -6.40 -11.65
N THR B 95 7.99 -5.98 -12.91
CA THR B 95 8.14 -6.86 -14.06
C THR B 95 9.21 -6.27 -14.96
N ALA B 96 8.83 -5.52 -16.00
CA ALA B 96 9.79 -4.98 -16.95
C ALA B 96 10.03 -3.48 -16.81
N GLN B 97 9.09 -2.73 -16.25
CA GLN B 97 9.22 -1.28 -16.26
C GLN B 97 10.30 -0.83 -15.28
N PHE B 98 11.07 0.17 -15.70
CA PHE B 98 12.16 0.73 -14.92
C PHE B 98 12.08 2.24 -15.03
N PHE B 99 12.81 2.94 -14.16
CA PHE B 99 12.91 4.37 -14.28
C PHE B 99 14.35 4.80 -13.99
N ILE B 100 14.69 5.97 -14.54
CA ILE B 100 15.99 6.60 -14.30
C ILE B 100 15.75 7.82 -13.43
N ASN B 101 16.37 7.85 -12.26
CA ASN B 101 16.31 8.99 -11.36
C ASN B 101 17.02 10.18 -12.00
N ASP B 104 18.46 13.19 -7.03
CA ASP B 104 18.58 12.21 -5.95
C ASP B 104 17.20 12.08 -5.28
N ASN B 105 16.54 10.95 -5.47
CA ASN B 105 15.19 10.74 -4.96
C ASN B 105 15.25 9.91 -3.68
N ASP B 106 15.73 10.55 -2.61
CA ASP B 106 15.99 9.83 -1.38
C ASP B 106 14.71 9.21 -0.81
N PHE B 107 13.55 9.83 -1.08
CA PHE B 107 12.27 9.32 -0.58
C PHE B 107 11.90 7.97 -1.19
N LEU B 108 12.59 7.53 -2.25
CA LEU B 108 12.33 6.21 -2.83
C LEU B 108 13.17 5.11 -2.20
N ASN B 109 14.04 5.43 -1.26
CA ASN B 109 15.01 4.46 -0.79
C ASN B 109 14.39 3.53 0.25
N PHE B 110 14.78 2.27 0.18
CA PHE B 110 14.44 1.27 1.18
C PHE B 110 14.75 1.76 2.58
N SER B 111 13.80 1.57 3.48
CA SER B 111 14.03 1.77 4.91
C SER B 111 13.63 0.57 5.76
N GLY B 112 12.90 -0.39 5.21
CA GLY B 112 12.52 -1.57 5.98
C GLY B 112 11.65 -2.47 5.13
N GLU B 113 11.63 -3.75 5.50
CA GLU B 113 10.84 -4.75 4.77
C GLU B 113 9.37 -4.67 5.19
N SER B 114 8.72 -3.61 4.72
CA SER B 114 7.32 -3.36 4.99
C SER B 114 6.73 -2.68 3.76
N LEU B 115 5.40 -2.58 3.71
CA LEU B 115 4.77 -1.94 2.56
C LEU B 115 5.19 -0.49 2.42
N GLN B 116 5.30 0.23 3.54
CA GLN B 116 5.67 1.64 3.49
C GLN B 116 7.18 1.84 3.33
N GLY B 117 8.00 0.87 3.72
CA GLY B 117 9.44 1.08 3.72
C GLY B 117 10.24 0.36 2.65
N TRP B 118 9.61 -0.54 1.88
CA TRP B 118 10.39 -1.36 0.95
C TRP B 118 11.10 -0.49 -0.10
N GLY B 119 10.46 0.58 -0.57
CA GLY B 119 11.14 1.42 -1.52
C GLY B 119 11.33 0.76 -2.88
N TYR B 120 12.26 1.33 -3.64
CA TYR B 120 12.42 1.01 -5.05
C TYR B 120 13.84 0.53 -5.29
N CYS B 121 13.95 -0.62 -5.93
CA CYS B 121 15.22 -1.32 -6.03
C CYS B 121 16.14 -0.75 -7.11
N PHE B 123 19.38 -1.02 -9.38
CA PHE B 123 20.08 -2.17 -9.94
C PHE B 123 21.09 -1.83 -11.03
N ALA B 124 21.20 -0.56 -11.41
CA ALA B 124 22.08 -0.17 -12.51
C ALA B 124 22.23 1.35 -12.49
N GLU B 125 23.11 1.85 -13.35
CA GLU B 125 23.30 3.30 -13.41
C GLU B 125 23.80 3.71 -14.79
N ASP B 128 27.03 6.75 -19.42
CA ASP B 128 27.19 7.74 -20.48
C ASP B 128 25.80 8.02 -21.02
N GLY B 129 25.56 9.25 -21.46
CA GLY B 129 24.27 9.61 -21.98
C GLY B 129 23.33 10.29 -21.00
N MET B 130 23.82 10.78 -19.85
CA MET B 130 22.96 11.63 -19.03
C MET B 130 22.46 12.85 -19.78
N ASP B 131 23.20 13.32 -20.79
CA ASP B 131 22.71 14.43 -21.59
C ASP B 131 21.43 14.04 -22.33
N ASP B 134 18.63 13.93 -19.78
CA ASP B 134 18.24 15.30 -19.47
C ASP B 134 17.41 15.92 -20.60
N LYS B 135 17.65 15.51 -21.85
CA LYS B 135 16.78 15.95 -22.94
C LYS B 135 15.39 15.34 -22.79
N ILE B 136 15.33 14.04 -22.50
CA ILE B 136 14.05 13.35 -22.40
C ILE B 136 13.21 13.95 -21.26
N LYS B 137 13.84 14.25 -20.13
CA LYS B 137 13.06 14.69 -18.97
C LYS B 137 12.37 16.03 -19.22
N GLY B 138 12.84 16.83 -20.18
CA GLY B 138 12.26 18.13 -20.44
C GLY B 138 11.25 18.20 -21.58
N ALA B 140 7.71 17.97 -23.74
CA ALA B 140 6.30 18.24 -23.46
C ALA B 140 5.55 16.95 -23.21
N THR B 141 4.72 16.95 -22.18
CA THR B 141 3.92 15.80 -21.79
C THR B 141 2.46 16.21 -21.67
N GLY B 142 1.60 15.21 -21.60
CA GLY B 142 0.19 15.44 -21.38
C GLY B 142 -0.50 14.14 -21.04
N ARG B 143 -1.82 14.19 -20.99
CA ARG B 143 -2.57 12.98 -20.66
C ARG B 143 -2.81 12.15 -21.90
N SER B 144 -2.82 10.83 -21.70
CA SER B 144 -3.20 9.87 -22.75
C SER B 144 -4.08 8.82 -22.09
N GLY B 145 -5.39 8.92 -22.31
CA GLY B 145 -6.30 8.02 -21.61
C GLY B 145 -6.20 8.23 -20.11
N MET B 146 -6.07 7.12 -19.39
CA MET B 146 -5.90 7.18 -17.94
C MET B 146 -4.48 7.55 -17.50
N HIS B 147 -3.54 7.68 -18.44
CA HIS B 147 -2.16 7.93 -18.12
C HIS B 147 -1.85 9.42 -18.12
N GLN B 148 -0.97 9.84 -17.21
CA GLN B 148 -0.50 11.20 -17.14
C GLN B 148 1.00 11.26 -17.40
N ASP B 149 1.48 12.46 -17.73
CA ASP B 149 2.89 12.69 -17.95
C ASP B 149 3.45 11.91 -19.14
N PRO B 151 4.85 11.67 -22.84
CA PRO B 151 5.38 12.57 -23.87
C PRO B 151 4.45 12.71 -25.08
N LYS B 152 4.26 13.96 -25.53
CA LYS B 152 3.42 14.22 -26.69
C LYS B 152 4.03 13.64 -27.96
N GLU B 153 5.35 13.65 -28.07
CA GLU B 153 6.06 12.97 -29.15
C GLU B 153 6.77 11.75 -28.56
N ASP B 154 6.57 10.59 -29.16
CA ASP B 154 7.10 9.36 -28.59
C ASP B 154 8.62 9.38 -28.43
N ILE B 156 11.36 6.79 -28.02
CA ILE B 156 11.39 5.36 -28.31
C ILE B 156 12.77 4.76 -28.13
N ILE B 157 12.84 3.60 -27.46
CA ILE B 157 14.03 2.77 -27.49
C ILE B 157 13.98 1.99 -28.79
N GLU B 158 14.79 2.38 -29.76
CA GLU B 158 14.74 1.79 -31.09
CA GLU B 158 14.72 1.79 -31.08
C GLU B 158 15.44 0.44 -31.15
N SER B 159 16.53 0.29 -30.41
CA SER B 159 17.26 -0.95 -30.33
CA SER B 159 17.24 -0.98 -30.31
C SER B 159 18.10 -0.95 -29.07
N THR B 161 22.01 -2.54 -27.52
CA THR B 161 23.24 -3.29 -27.64
C THR B 161 23.60 -3.83 -26.27
N SER B 163 26.56 -5.60 -24.33
CA SER B 163 27.99 -5.80 -24.49
CA SER B 163 27.97 -5.88 -24.53
C SER B 163 28.53 -6.69 -23.38
N GLU B 164 29.41 -7.61 -23.73
CA GLU B 164 30.10 -8.45 -22.76
C GLU B 164 31.59 -8.23 -22.89
N HIS B 165 32.27 -8.31 -21.74
CA HIS B 165 33.71 -8.13 -21.69
C HIS B 165 34.37 -9.42 -21.27
N HIS B 166 35.44 -9.78 -21.98
CA HIS B 166 36.16 -11.02 -21.77
C HIS B 166 37.59 -10.71 -21.39
N HIS B 167 38.11 -11.45 -20.43
CA HIS B 167 39.42 -11.20 -19.85
C HIS B 167 40.30 -12.40 -20.12
N HIS B 168 41.55 -12.13 -20.49
CA HIS B 168 42.46 -13.17 -20.95
C HIS B 168 43.85 -12.94 -20.37
N HIS B 169 44.64 -14.02 -20.33
CA HIS B 169 46.01 -13.98 -19.85
C HIS B 169 46.91 -14.77 -20.80
N HIS B 170 48.21 -14.75 -20.54
CA HIS B 170 49.14 -15.58 -21.33
C HIS B 170 49.93 -16.50 -20.41
N MET C 1 4.70 -25.25 25.48
CA MET C 1 4.98 -24.40 24.33
C MET C 1 5.69 -25.19 23.26
N THR C 3 8.24 -24.44 19.68
CA THR C 3 8.94 -23.49 18.84
C THR C 3 9.15 -24.09 17.47
N PHE C 4 8.65 -23.41 16.44
CA PHE C 4 8.98 -23.73 15.05
C PHE C 4 10.26 -22.99 14.67
N HIS C 5 11.31 -23.75 14.36
CA HIS C 5 12.59 -23.19 13.94
C HIS C 5 12.54 -23.11 12.42
N THR C 6 12.32 -21.91 11.90
CA THR C 6 12.27 -21.73 10.45
C THR C 6 13.58 -21.12 9.94
N ASN C 7 13.75 -21.17 8.62
CA ASN C 7 14.92 -20.52 8.04
C ASN C 7 14.80 -19.00 8.03
N HIS C 8 13.73 -18.45 8.60
CA HIS C 8 13.59 -17.01 8.82
C HIS C 8 13.59 -16.65 10.31
N GLY C 9 13.79 -17.62 11.19
CA GLY C 9 13.78 -17.39 12.62
C GLY C 9 12.78 -18.28 13.34
N ASP C 10 12.69 -18.08 14.65
CA ASP C 10 11.86 -18.89 15.52
C ASP C 10 10.47 -18.30 15.72
N ILE C 11 9.46 -19.16 15.72
CA ILE C 11 8.08 -18.78 16.05
C ILE C 11 7.71 -19.60 17.29
N ILE C 13 5.08 -20.65 20.22
CA ILE C 13 3.64 -20.85 20.23
C ILE C 13 3.18 -21.47 21.55
N LYS C 14 2.12 -20.92 22.14
CA LYS C 14 1.46 -21.51 23.29
C LYS C 14 0.15 -22.17 22.83
N THR C 15 -0.05 -23.40 23.25
CA THR C 15 -1.23 -24.15 22.84
C THR C 15 -2.39 -23.95 23.82
N PHE C 16 -3.60 -24.09 23.30
CA PHE C 16 -4.82 -23.84 24.08
C PHE C 16 -5.47 -25.17 24.43
N ASP C 17 -4.78 -25.91 25.31
CA ASP C 17 -5.12 -27.31 25.54
C ASP C 17 -6.55 -27.49 26.04
N ASP C 18 -7.04 -26.56 26.87
CA ASP C 18 -8.40 -26.71 27.39
C ASP C 18 -9.49 -26.37 26.39
N LYS C 19 -9.19 -25.53 25.41
CA LYS C 19 -10.21 -25.07 24.49
C LYS C 19 -10.25 -25.88 23.20
N ALA C 20 -9.18 -26.56 22.83
CA ALA C 20 -9.15 -27.39 21.62
C ALA C 20 -8.38 -28.66 21.91
N PRO C 21 -8.91 -29.51 22.81
CA PRO C 21 -8.10 -30.64 23.29
C PRO C 21 -7.72 -31.64 22.21
N GLU C 22 -8.64 -32.02 21.33
CA GLU C 22 -8.27 -32.98 20.28
C GLU C 22 -7.32 -32.36 19.27
N THR C 23 -7.50 -31.07 18.98
CA THR C 23 -6.65 -30.39 18.02
C THR C 23 -5.23 -30.28 18.56
N LYS C 25 -3.79 -32.20 20.84
CA LYS C 25 -3.18 -33.53 20.90
C LYS C 25 -2.64 -33.92 19.52
N ASN C 26 -3.46 -33.69 18.49
CA ASN C 26 -3.05 -34.01 17.12
C ASN C 26 -1.81 -33.22 16.71
N PHE C 27 -1.80 -31.92 17.02
CA PHE C 27 -0.69 -31.04 16.65
C PHE C 27 0.59 -31.45 17.37
N LEU C 28 0.51 -31.69 18.69
CA LEU C 28 1.71 -32.04 19.44
C LEU C 28 2.26 -33.41 19.04
N ASP C 29 1.37 -34.34 18.70
CA ASP C 29 1.83 -35.63 18.18
C ASP C 29 2.65 -35.43 16.90
N TYR C 30 2.13 -34.63 15.96
CA TYR C 30 2.89 -34.35 14.75
C TYR C 30 4.23 -33.69 15.08
N CYS C 31 4.23 -32.74 16.02
CA CYS C 31 5.47 -32.08 16.40
C CYS C 31 6.50 -33.07 16.89
N ARG C 32 6.10 -33.94 17.83
CA ARG C 32 7.03 -34.86 18.48
C ARG C 32 7.54 -35.93 17.53
N GLU C 33 6.76 -36.27 16.52
CA GLU C 33 7.17 -37.27 15.54
C GLU C 33 8.05 -36.69 14.44
N GLY C 34 8.35 -35.40 14.47
CA GLY C 34 9.14 -34.80 13.41
C GLY C 34 8.39 -34.58 12.13
N PHE C 35 7.05 -34.63 12.16
CA PHE C 35 6.29 -34.51 10.92
C PHE C 35 6.54 -33.16 10.26
N TYR C 36 6.65 -32.09 11.04
CA TYR C 36 6.79 -30.77 10.45
C TYR C 36 8.21 -30.49 9.97
N ASN C 37 9.16 -31.37 10.25
CA ASN C 37 10.54 -31.14 9.84
C ASN C 37 10.63 -31.15 8.33
N ASN C 38 11.25 -30.12 7.78
CA ASN C 38 11.43 -29.97 6.34
C ASN C 38 10.09 -29.81 5.62
N THR C 39 9.06 -29.34 6.31
CA THR C 39 7.89 -28.82 5.62
C THR C 39 8.03 -27.31 5.42
N ILE C 40 7.21 -26.76 4.55
CA ILE C 40 7.34 -25.36 4.16
C ILE C 40 6.06 -24.60 4.52
N PHE C 41 6.15 -23.26 4.50
CA PHE C 41 4.94 -22.44 4.44
C PHE C 41 4.65 -22.29 2.96
N HIS C 42 3.69 -23.06 2.45
CA HIS C 42 3.43 -23.14 1.03
C HIS C 42 2.35 -22.18 0.54
N ARG C 43 1.66 -21.50 1.44
CA ARG C 43 0.59 -20.60 1.04
C ARG C 43 0.70 -19.36 1.91
N ILE C 45 -0.18 -15.33 2.18
CA ILE C 45 -0.98 -14.23 1.65
C ILE C 45 -0.90 -13.06 2.62
N ASN C 46 -0.15 -12.02 2.23
CA ASN C 46 -0.01 -10.85 3.08
C ASN C 46 -1.37 -10.24 3.35
N GLY C 47 -1.55 -9.74 4.57
CA GLY C 47 -2.85 -9.21 4.96
C GLY C 47 -3.89 -10.27 5.24
N PHE C 48 -3.48 -11.55 5.33
CA PHE C 48 -4.42 -12.64 5.52
C PHE C 48 -3.82 -13.67 6.48
N MET C 49 -2.99 -14.59 6.00
CA MET C 49 -2.45 -15.60 6.88
C MET C 49 -1.24 -16.22 6.19
N ILE C 50 -0.44 -16.97 6.96
CA ILE C 50 0.60 -17.83 6.41
C ILE C 50 0.27 -19.27 6.78
N GLN C 51 0.34 -20.17 5.80
CA GLN C 51 -0.12 -21.54 5.96
C GLN C 51 0.99 -22.52 5.62
N GLY C 52 1.13 -23.56 6.44
CA GLY C 52 2.17 -24.53 6.19
C GLY C 52 1.90 -25.86 6.87
N GLY C 53 2.95 -26.68 6.93
CA GLY C 53 2.87 -27.95 7.62
C GLY C 53 2.33 -29.12 6.83
N GLY C 54 2.31 -29.02 5.49
CA GLY C 54 1.82 -30.13 4.69
C GLY C 54 2.76 -30.63 3.62
N PHE C 55 3.63 -29.77 3.13
CA PHE C 55 4.42 -30.06 1.94
C PHE C 55 5.90 -29.89 2.23
N GLU C 56 6.70 -30.74 1.60
CA GLU C 56 8.15 -30.61 1.59
C GLU C 56 8.56 -29.77 0.38
N PRO C 57 9.79 -29.26 0.36
CA PRO C 57 10.26 -28.54 -0.83
C PRO C 57 10.02 -29.33 -2.10
N GLY C 58 9.59 -28.63 -3.15
CA GLY C 58 9.11 -29.26 -4.36
C GLY C 58 7.63 -29.57 -4.36
N MET C 59 6.90 -29.13 -3.34
CA MET C 59 5.47 -29.44 -3.17
C MET C 59 5.16 -30.93 -3.17
N LYS C 60 5.98 -31.69 -2.45
CA LYS C 60 5.68 -33.09 -2.16
C LYS C 60 4.87 -33.13 -0.89
N GLN C 61 3.60 -33.52 -1.01
CA GLN C 61 2.70 -33.53 0.14
C GLN C 61 2.96 -34.77 1.00
N LYS C 62 3.11 -34.57 2.30
CA LYS C 62 3.43 -35.68 3.18
C LYS C 62 2.15 -36.44 3.52
N ALA C 63 2.30 -37.75 3.69
CA ALA C 63 1.16 -38.56 4.12
C ALA C 63 0.78 -38.20 5.56
N THR C 64 -0.52 -38.16 5.84
CA THR C 64 -1.00 -37.71 7.12
C THR C 64 -1.79 -38.82 7.82
N LYS C 65 -2.06 -38.59 9.10
CA LYS C 65 -2.93 -39.45 9.87
C LYS C 65 -4.39 -39.11 9.56
N GLU C 66 -5.29 -39.84 10.22
CA GLU C 66 -6.70 -39.58 10.03
C GLU C 66 -7.05 -38.16 10.44
N PRO C 67 -8.03 -37.55 9.78
CA PRO C 67 -8.41 -36.17 10.12
C PRO C 67 -9.08 -36.08 11.49
N ILE C 68 -9.18 -34.84 11.98
CA ILE C 68 -9.70 -34.52 13.31
C ILE C 68 -11.02 -33.78 13.23
N LYS C 69 -11.82 -33.93 14.28
CA LYS C 69 -13.03 -33.14 14.45
C LYS C 69 -12.68 -31.65 14.51
N ASN C 70 -13.57 -30.83 13.95
CA ASN C 70 -13.42 -29.37 14.04
C ASN C 70 -13.88 -28.92 15.43
N GLU C 71 -12.98 -28.28 16.18
CA GLU C 71 -13.29 -27.77 17.51
C GLU C 71 -13.55 -26.26 17.53
N ALA C 72 -13.87 -25.67 16.37
CA ALA C 72 -14.05 -24.21 16.30
C ALA C 72 -15.26 -23.73 17.10
N ASN C 73 -16.16 -24.61 17.50
CA ASN C 73 -17.26 -24.23 18.39
C ASN C 73 -16.77 -23.87 19.78
N ASN C 74 -15.46 -23.86 20.01
CA ASN C 74 -14.88 -23.45 21.27
C ASN C 74 -14.94 -21.95 21.52
N GLY C 75 -15.46 -21.18 20.56
CA GLY C 75 -15.66 -19.76 20.76
C GLY C 75 -14.45 -18.89 20.57
N LEU C 76 -13.28 -19.47 20.30
CA LEU C 76 -12.08 -18.66 20.13
C LEU C 76 -12.03 -18.08 18.72
N LYS C 77 -11.56 -16.84 18.63
CA LYS C 77 -11.58 -16.08 17.39
C LYS C 77 -10.23 -16.08 16.69
N ASN C 78 -10.28 -15.98 15.35
CA ASN C 78 -9.10 -15.93 14.48
C ASN C 78 -8.46 -14.54 14.48
N THR C 79 -8.01 -14.11 15.66
CA THR C 79 -7.35 -12.82 15.79
C THR C 79 -5.88 -12.92 15.39
N ARG C 80 -5.28 -11.76 15.11
CA ARG C 80 -3.89 -11.73 14.67
C ARG C 80 -2.99 -12.46 15.66
N GLY C 81 -2.16 -13.36 15.15
CA GLY C 81 -1.24 -14.13 15.96
C GLY C 81 -1.75 -15.51 16.35
N THR C 82 -3.04 -15.77 16.23
CA THR C 82 -3.57 -17.10 16.53
C THR C 82 -3.23 -18.10 15.42
N LEU C 83 -3.12 -19.36 15.82
CA LEU C 83 -3.03 -20.49 14.88
C LEU C 83 -4.38 -21.17 14.79
N ALA C 84 -4.73 -21.57 13.58
CA ALA C 84 -5.94 -22.34 13.34
C ALA C 84 -5.61 -23.46 12.37
N MET C 85 -6.48 -24.48 12.32
CA MET C 85 -6.25 -25.60 11.41
C MET C 85 -6.78 -25.30 10.01
N ALA C 86 -5.92 -25.49 9.02
CA ALA C 86 -6.37 -25.49 7.64
C ALA C 86 -7.12 -26.79 7.37
N ARG C 87 -7.94 -26.77 6.33
CA ARG C 87 -8.77 -27.93 6.01
C ARG C 87 -9.37 -27.71 4.62
N THR C 88 -9.94 -28.78 4.06
CA THR C 88 -10.73 -28.66 2.84
C THR C 88 -12.15 -28.28 3.25
N GLN C 89 -13.09 -28.33 2.29
CA GLN C 89 -14.44 -27.83 2.55
C GLN C 89 -15.16 -28.64 3.63
N ALA C 90 -14.81 -29.90 3.82
CA ALA C 90 -15.47 -30.69 4.86
C ALA C 90 -15.01 -30.20 6.22
N PRO C 91 -15.91 -29.77 7.11
CA PRO C 91 -15.47 -29.20 8.39
C PRO C 91 -14.55 -30.08 9.22
N HIS C 92 -14.72 -31.41 9.17
CA HIS C 92 -13.96 -32.33 9.99
C HIS C 92 -12.81 -32.99 9.24
N SER C 93 -12.18 -32.25 8.31
CA SER C 93 -11.14 -32.78 7.42
C SER C 93 -9.73 -32.32 7.77
N ALA C 94 -9.51 -31.51 8.80
CA ALA C 94 -8.15 -31.05 9.09
C ALA C 94 -7.25 -32.23 9.45
N THR C 95 -5.99 -32.15 9.00
CA THR C 95 -4.99 -33.15 9.37
C THR C 95 -3.80 -32.45 10.03
N ALA C 96 -2.80 -32.08 9.24
CA ALA C 96 -1.58 -31.49 9.78
C ALA C 96 -1.39 -30.01 9.46
N GLN C 97 -2.03 -29.51 8.39
CA GLN C 97 -1.76 -28.15 7.98
C GLN C 97 -2.43 -27.14 8.90
N PHE C 98 -1.70 -26.06 9.19
CA PHE C 98 -2.18 -25.00 10.06
C PHE C 98 -1.83 -23.67 9.42
N PHE C 99 -2.45 -22.60 9.91
CA PHE C 99 -2.12 -21.27 9.47
C PHE C 99 -2.06 -20.33 10.66
N ILE C 100 -1.32 -19.23 10.48
CA ILE C 100 -1.21 -18.16 11.46
C ILE C 100 -1.90 -16.95 10.89
N ASN C 101 -2.93 -16.47 11.59
CA ASN C 101 -3.64 -15.25 11.19
C ASN C 101 -2.70 -14.04 11.33
N ASP C 104 -6.78 -9.72 12.07
CA ASP C 104 -8.00 -10.32 12.63
C ASP C 104 -8.89 -10.77 11.48
N ASN C 105 -9.05 -12.08 11.31
CA ASN C 105 -9.82 -12.64 10.19
C ASN C 105 -11.19 -13.11 10.66
N ASP C 106 -12.06 -12.13 10.96
CA ASP C 106 -13.36 -12.45 11.52
C ASP C 106 -14.17 -13.39 10.64
N PHE C 107 -14.01 -13.29 9.33
CA PHE C 107 -14.75 -14.12 8.39
C PHE C 107 -14.42 -15.61 8.51
N LEU C 108 -13.35 -15.99 9.21
CA LEU C 108 -13.00 -17.39 9.44
C LEU C 108 -13.64 -17.97 10.69
N ASN C 109 -14.33 -17.17 11.50
CA ASN C 109 -14.80 -17.64 12.80
C ASN C 109 -16.05 -18.49 12.69
N PHE C 110 -16.12 -19.52 13.54
CA PHE C 110 -17.30 -20.35 13.67
C PHE C 110 -18.53 -19.48 13.90
N SER C 111 -19.58 -19.77 13.15
CA SER C 111 -20.88 -19.16 13.36
C SER C 111 -22.01 -20.16 13.46
N GLY C 112 -21.74 -21.44 13.22
CA GLY C 112 -22.76 -22.45 13.34
C GLY C 112 -22.26 -23.78 12.81
N GLU C 113 -22.94 -24.87 13.17
CA GLU C 113 -22.48 -26.21 12.80
C GLU C 113 -23.08 -26.55 11.44
N SER C 114 -22.49 -25.94 10.41
CA SER C 114 -22.92 -26.10 9.03
C SER C 114 -21.69 -25.94 8.14
N LEU C 115 -21.86 -26.30 6.87
CA LEU C 115 -20.72 -26.26 5.95
C LEU C 115 -20.14 -24.86 5.87
N GLN C 116 -21.01 -23.85 5.73
CA GLN C 116 -20.58 -22.47 5.61
C GLN C 116 -20.23 -21.84 6.95
N GLY C 117 -20.77 -22.38 8.04
CA GLY C 117 -20.63 -21.74 9.33
C GLY C 117 -19.55 -22.31 10.22
N TRP C 118 -19.06 -23.52 9.94
CA TRP C 118 -18.15 -24.17 10.88
C TRP C 118 -16.87 -23.35 11.10
N GLY C 119 -16.33 -22.76 10.04
CA GLY C 119 -15.17 -21.92 10.26
C GLY C 119 -13.93 -22.74 10.58
N TYR C 120 -12.95 -22.05 11.15
CA TYR C 120 -11.60 -22.59 11.31
C TYR C 120 -11.22 -22.57 12.77
N CYS C 121 -10.75 -23.71 13.26
CA CYS C 121 -10.52 -23.91 14.68
C CYS C 121 -9.22 -23.34 15.18
N PHE C 123 -6.46 -22.95 17.98
CA PHE C 123 -5.94 -23.89 18.97
C PHE C 123 -4.64 -23.46 19.65
N ALA C 124 -4.09 -22.30 19.28
CA ALA C 124 -2.82 -21.87 19.82
C ALA C 124 -2.59 -20.43 19.41
N GLU C 125 -1.52 -19.83 19.93
CA GLU C 125 -1.20 -18.47 19.56
C GLU C 125 0.29 -18.19 19.67
N ASP C 128 5.96 -15.37 20.94
CA ASP C 128 7.18 -14.67 20.56
C ASP C 128 7.46 -15.01 19.11
N GLY C 129 8.07 -14.08 18.38
CA GLY C 129 8.38 -14.33 16.99
C GLY C 129 7.36 -13.81 16.00
N MET C 130 6.46 -12.93 16.43
CA MET C 130 5.57 -12.29 15.46
C MET C 130 6.37 -11.50 14.43
N ASP C 131 7.56 -11.02 14.78
CA ASP C 131 8.39 -10.34 13.78
CA ASP C 131 8.41 -10.34 13.79
C ASP C 131 8.81 -11.31 12.67
N ASP C 134 5.79 -11.82 10.48
CA ASP C 134 5.61 -10.63 9.63
C ASP C 134 6.64 -10.58 8.50
N LYS C 135 7.82 -11.16 8.74
CA LYS C 135 8.80 -11.30 7.66
C LYS C 135 8.30 -12.32 6.64
N ILE C 136 7.80 -13.47 7.11
CA ILE C 136 7.34 -14.50 6.17
C ILE C 136 6.16 -13.99 5.33
N LYS C 137 5.23 -13.27 5.96
CA LYS C 137 4.03 -12.86 5.23
C LYS C 137 4.36 -11.94 4.07
N GLY C 138 5.52 -11.29 4.08
CA GLY C 138 5.85 -10.33 3.06
C GLY C 138 6.77 -10.81 1.95
N ALA C 140 8.14 -12.70 -1.56
CA ALA C 140 7.63 -12.88 -2.92
C ALA C 140 7.00 -14.25 -3.11
N THR C 141 5.85 -14.30 -3.79
CA THR C 141 5.14 -15.54 -4.04
C THR C 141 4.78 -15.67 -5.52
N GLY C 142 4.41 -16.87 -5.91
CA GLY C 142 3.95 -17.13 -7.26
C GLY C 142 3.23 -18.46 -7.35
N ARG C 143 2.92 -18.86 -8.58
CA ARG C 143 2.18 -20.08 -8.81
C ARG C 143 3.15 -21.25 -8.84
N SER C 144 2.70 -22.40 -8.32
CA SER C 144 3.42 -23.67 -8.47
C SER C 144 2.38 -24.75 -8.74
N GLY C 145 2.32 -25.23 -9.98
CA GLY C 145 1.30 -26.19 -10.33
C GLY C 145 -0.08 -25.58 -10.15
N MET C 146 -0.96 -26.31 -9.44
CA MET C 146 -2.29 -25.79 -9.14
C MET C 146 -2.28 -24.78 -8.00
N HIS C 147 -1.16 -24.63 -7.30
CA HIS C 147 -1.08 -23.82 -6.10
C HIS C 147 -0.69 -22.39 -6.41
N GLN C 148 -1.31 -21.45 -5.69
CA GLN C 148 -0.95 -20.05 -5.78
C GLN C 148 -0.39 -19.59 -4.44
N ASP C 149 0.23 -18.42 -4.46
CA ASP C 149 0.76 -17.80 -3.25
C ASP C 149 1.84 -18.65 -2.59
N PRO C 151 5.66 -19.23 -1.80
CA PRO C 151 6.90 -18.44 -1.76
C PRO C 151 7.89 -18.86 -2.84
N LYS C 152 8.47 -17.88 -3.54
CA LYS C 152 9.41 -18.19 -4.60
C LYS C 152 10.71 -18.78 -4.05
N GLU C 153 11.14 -18.33 -2.87
CA GLU C 153 12.19 -18.98 -2.10
C GLU C 153 11.57 -19.70 -0.93
N ASP C 154 11.96 -20.96 -0.72
CA ASP C 154 11.23 -21.78 0.23
C ASP C 154 11.35 -21.20 1.63
N ILE C 156 11.13 -22.59 5.10
CA ILE C 156 11.22 -23.95 5.63
C ILE C 156 11.09 -24.01 7.13
N ILE C 157 10.21 -24.89 7.62
CA ILE C 157 10.22 -25.28 9.02
C ILE C 157 11.27 -26.37 9.14
N GLU C 158 12.42 -26.03 9.74
CA GLU C 158 13.49 -27.01 9.84
C GLU C 158 13.15 -28.07 10.88
N SER C 159 12.57 -27.65 12.00
CA SER C 159 12.16 -28.58 13.04
C SER C 159 11.34 -27.85 14.09
N THR C 161 10.68 -27.79 18.43
N THR C 161 10.74 -27.79 18.43
CA THR C 161 11.12 -28.15 19.78
CA THR C 161 11.10 -28.19 19.77
C THR C 161 10.00 -27.90 20.78
C THR C 161 9.92 -27.97 20.70
N SER C 163 8.60 -27.45 24.65
CA SER C 163 8.94 -27.11 26.03
C SER C 163 7.76 -27.39 26.95
N GLU C 164 8.04 -28.08 28.05
CA GLU C 164 7.04 -28.40 29.05
C GLU C 164 7.48 -27.86 30.40
N HIS C 165 6.49 -27.49 31.21
CA HIS C 165 6.75 -26.97 32.55
C HIS C 165 5.88 -27.74 33.54
N HIS C 166 6.53 -28.30 34.56
CA HIS C 166 5.88 -29.08 35.59
C HIS C 166 6.00 -28.35 36.92
N HIS C 167 4.97 -28.50 37.76
CA HIS C 167 4.86 -27.72 38.98
C HIS C 167 4.69 -28.63 40.19
N HIS C 168 5.42 -28.29 41.26
CA HIS C 168 5.45 -29.10 42.47
C HIS C 168 5.18 -28.20 43.66
N HIS C 169 4.14 -28.53 44.42
CA HIS C 169 3.71 -27.74 45.56
C HIS C 169 4.26 -28.37 46.83
N HIS C 170 4.80 -27.54 47.71
CA HIS C 170 5.45 -28.02 48.91
C HIS C 170 4.81 -27.34 50.13
N MET D 1 8.27 22.70 24.16
CA MET D 1 9.03 23.67 23.38
CA MET D 1 9.07 23.66 23.42
C MET D 1 9.95 22.92 22.42
N THR D 3 13.36 23.74 19.83
CA THR D 3 14.33 24.70 19.35
C THR D 3 15.03 24.11 18.13
N PHE D 4 15.01 24.85 17.02
CA PHE D 4 15.78 24.49 15.84
C PHE D 4 17.16 25.13 16.00
N HIS D 5 18.20 24.30 16.06
CA HIS D 5 19.56 24.81 16.14
C HIS D 5 20.09 24.93 14.73
N THR D 6 20.00 26.14 14.15
CA THR D 6 20.42 26.34 12.77
C THR D 6 21.84 26.90 12.71
N ASN D 7 22.39 26.90 11.49
CA ASN D 7 23.71 27.48 11.29
C ASN D 7 23.70 29.01 11.29
N HIS D 8 22.53 29.62 11.49
CA HIS D 8 22.43 31.06 11.74
C HIS D 8 21.92 31.37 13.14
N GLY D 9 21.84 30.40 14.03
CA GLY D 9 21.38 30.60 15.40
C GLY D 9 20.15 29.77 15.69
N ASP D 10 19.58 29.99 16.87
CA ASP D 10 18.45 29.21 17.37
C ASP D 10 17.12 29.84 17.02
N ILE D 11 16.17 29.00 16.61
CA ILE D 11 14.78 29.41 16.47
C ILE D 11 13.98 28.64 17.51
N ILE D 13 10.59 27.70 19.52
CA ILE D 13 9.20 27.54 19.11
C ILE D 13 8.31 26.98 20.21
N LYS D 14 7.18 27.62 20.44
CA LYS D 14 6.18 27.13 21.38
C LYS D 14 5.05 26.51 20.57
N THR D 15 4.67 25.29 20.91
CA THR D 15 3.67 24.54 20.15
C THR D 15 2.28 24.70 20.79
N PHE D 16 1.26 24.68 19.95
CA PHE D 16 -0.13 24.85 20.39
C PHE D 16 -0.84 23.50 20.39
N ASP D 17 -0.43 22.65 21.34
CA ASP D 17 -0.78 21.23 21.31
C ASP D 17 -2.28 21.00 21.32
N ASP D 18 -3.03 21.84 21.99
CA ASP D 18 -4.46 21.58 22.14
C ASP D 18 -5.30 22.14 21.00
N LYS D 19 -4.81 23.17 20.30
CA LYS D 19 -5.52 23.71 19.14
C LYS D 19 -5.19 22.97 17.85
N ALA D 20 -4.09 22.23 17.82
CA ALA D 20 -3.71 21.46 16.63
C ALA D 20 -3.11 20.14 17.08
N PRO D 21 -3.91 19.27 17.71
CA PRO D 21 -3.33 18.06 18.33
C PRO D 21 -2.68 17.10 17.36
N GLU D 22 -3.34 16.80 16.24
CA GLU D 22 -2.73 15.85 15.31
C GLU D 22 -1.50 16.47 14.65
N THR D 23 -1.56 17.77 14.39
CA THR D 23 -0.44 18.48 13.74
C THR D 23 0.77 18.54 14.66
N LYS D 25 1.42 16.55 17.24
CA LYS D 25 1.93 15.20 17.43
C LYS D 25 2.84 14.81 16.27
N ASN D 26 2.37 15.05 15.05
CA ASN D 26 3.16 14.78 13.85
C ASN D 26 4.47 15.55 13.89
N PHE D 27 4.42 16.84 14.23
CA PHE D 27 5.60 17.69 14.24
C PHE D 27 6.60 17.24 15.31
N LEU D 28 6.11 17.00 16.52
CA LEU D 28 7.00 16.57 17.60
C LEU D 28 7.58 15.19 17.35
N ASP D 29 6.82 14.29 16.72
CA ASP D 29 7.38 13.00 16.37
C ASP D 29 8.58 13.17 15.43
N TYR D 30 8.43 13.99 14.39
CA TYR D 30 9.56 14.24 13.50
C TYR D 30 10.72 14.86 14.25
N CYS D 31 10.44 15.85 15.11
CA CYS D 31 11.49 16.48 15.89
C CYS D 31 12.23 15.46 16.76
N ARG D 32 11.49 14.70 17.57
CA ARG D 32 12.10 13.80 18.54
C ARG D 32 12.89 12.69 17.86
N GLU D 33 12.48 12.27 16.67
CA GLU D 33 13.13 11.20 15.94
C GLU D 33 14.34 11.68 15.16
N GLY D 34 14.65 12.97 15.19
CA GLY D 34 15.78 13.50 14.46
C GLY D 34 15.51 13.77 13.00
N PHE D 35 14.24 13.77 12.57
CA PHE D 35 13.94 13.91 11.15
C PHE D 35 14.42 15.26 10.60
N TYR D 36 14.32 16.32 11.38
CA TYR D 36 14.70 17.63 10.88
C TYR D 36 16.18 17.89 10.97
N ASN D 37 16.95 16.99 11.58
CA ASN D 37 18.38 17.17 11.68
C ASN D 37 18.99 17.10 10.28
N ASN D 38 19.86 18.06 9.96
CA ASN D 38 20.48 18.17 8.64
C ASN D 38 19.45 18.39 7.53
N THR D 39 18.38 19.12 7.83
CA THR D 39 17.50 19.61 6.79
C THR D 39 17.67 21.12 6.64
N ILE D 40 17.17 21.66 5.53
CA ILE D 40 17.43 23.04 5.18
C ILE D 40 16.13 23.84 5.11
N PHE D 41 16.27 25.16 5.14
CA PHE D 41 15.19 26.06 4.71
C PHE D 41 15.37 26.21 3.21
N HIS D 42 14.59 25.46 2.44
CA HIS D 42 14.83 25.34 1.00
C HIS D 42 14.05 26.35 0.17
N ARG D 43 13.15 27.10 0.76
CA ARG D 43 12.32 28.03 0.01
C ARG D 43 12.13 29.28 0.84
N ILE D 45 11.16 33.31 0.69
CA ILE D 45 10.56 34.39 -0.05
C ILE D 45 10.40 35.57 0.89
N ASN D 46 11.29 36.55 0.76
CA ASN D 46 11.24 37.72 1.63
C ASN D 46 9.89 38.42 1.50
N GLY D 47 9.41 38.97 2.61
CA GLY D 47 8.09 39.58 2.63
C GLY D 47 6.96 38.58 2.62
N PHE D 48 7.25 37.28 2.78
CA PHE D 48 6.23 36.25 2.72
C PHE D 48 6.49 35.18 3.79
N MET D 49 7.38 34.23 3.53
CA MET D 49 7.61 33.20 4.54
C MET D 49 8.94 32.54 4.22
N ILE D 50 9.42 31.75 5.18
CA ILE D 50 10.54 30.84 4.97
C ILE D 50 10.05 29.42 5.25
N GLN D 51 10.46 28.48 4.40
CA GLN D 51 9.92 27.12 4.42
C GLN D 51 11.04 26.11 4.52
N GLY D 52 10.81 25.06 5.32
CA GLY D 52 11.80 24.01 5.46
C GLY D 52 11.14 22.70 5.85
N GLY D 53 11.93 21.77 6.38
CA GLY D 53 11.40 20.52 6.89
C GLY D 53 11.29 19.38 5.90
N GLY D 54 11.88 19.51 4.72
CA GLY D 54 11.72 18.45 3.75
C GLY D 54 12.98 17.94 3.08
N PHE D 55 14.03 18.74 3.01
CA PHE D 55 15.18 18.45 2.17
C PHE D 55 16.48 18.52 2.95
N GLU D 56 17.39 17.63 2.62
CA GLU D 56 18.77 17.71 3.05
C GLU D 56 19.57 18.56 2.06
N PRO D 57 20.76 19.02 2.44
CA PRO D 57 21.60 19.78 1.50
C PRO D 57 21.76 19.04 0.18
N GLY D 58 21.76 19.81 -0.91
CA GLY D 58 21.70 19.24 -2.22
C GLY D 58 20.30 19.02 -2.75
N MET D 59 19.28 19.53 -2.03
CA MET D 59 17.88 19.35 -2.40
C MET D 59 17.49 17.88 -2.51
N LYS D 60 17.87 17.11 -1.49
CA LYS D 60 17.51 15.70 -1.42
C LYS D 60 16.28 15.55 -0.53
N GLN D 61 15.16 15.20 -1.15
CA GLN D 61 13.90 15.18 -0.44
C GLN D 61 13.75 13.86 0.33
N LYS D 62 13.52 13.97 1.64
CA LYS D 62 13.47 12.80 2.51
C LYS D 62 12.12 12.09 2.42
N ALA D 63 12.13 10.78 2.67
CA ALA D 63 10.88 10.05 2.85
C ALA D 63 10.17 10.54 4.10
N THR D 64 8.85 10.66 4.01
CA THR D 64 8.04 11.10 5.13
C THR D 64 7.04 10.02 5.51
N LYS D 65 6.38 10.23 6.64
CA LYS D 65 5.23 9.42 7.00
C LYS D 65 4.01 9.85 6.18
N GLU D 66 2.91 9.12 6.33
CA GLU D 66 1.71 9.46 5.59
C GLU D 66 1.19 10.82 6.05
N PRO D 67 0.45 11.51 5.19
CA PRO D 67 0.03 12.88 5.50
C PRO D 67 -1.05 12.96 6.58
N ILE D 68 -1.22 14.17 7.11
CA ILE D 68 -2.08 14.43 8.25
C ILE D 68 -3.32 15.23 7.83
N LYS D 69 -4.37 15.07 8.62
CA LYS D 69 -5.56 15.88 8.47
C LYS D 69 -5.23 17.36 8.66
N ASN D 70 -5.92 18.21 7.91
CA ASN D 70 -5.77 19.65 8.03
C ASN D 70 -6.57 20.16 9.23
N GLU D 71 -5.87 20.75 10.20
CA GLU D 71 -6.50 21.29 11.40
C GLU D 71 -6.65 22.81 11.36
N ALA D 72 -6.64 23.41 10.15
CA ALA D 72 -6.64 24.87 10.02
C ALA D 72 -7.92 25.50 10.55
N ASN D 73 -9.02 24.75 10.61
CA ASN D 73 -10.25 25.24 11.23
C ASN D 73 -10.16 25.35 12.75
N ASN D 74 -8.99 25.69 13.28
CA ASN D 74 -8.80 25.86 14.72
C ASN D 74 -8.82 27.32 15.14
N GLY D 75 -9.08 28.24 14.20
CA GLY D 75 -9.13 29.65 14.51
C GLY D 75 -7.79 30.35 14.59
N LEU D 76 -6.68 29.63 14.58
CA LEU D 76 -5.37 30.26 14.70
C LEU D 76 -4.98 30.89 13.37
N LYS D 77 -4.28 32.02 13.44
CA LYS D 77 -4.03 32.86 12.27
C LYS D 77 -2.56 32.89 11.90
N ASN D 78 -2.30 33.07 10.60
CA ASN D 78 -0.96 33.09 10.04
C ASN D 78 -0.30 34.46 10.22
N THR D 79 -0.20 34.89 11.47
CA THR D 79 0.48 36.15 11.77
C THR D 79 1.99 35.95 11.78
N ARG D 80 2.72 37.06 11.66
CA ARG D 80 4.17 37.01 11.66
C ARG D 80 4.68 36.24 12.87
N GLY D 81 5.57 35.28 12.62
CA GLY D 81 6.15 34.46 13.65
C GLY D 81 5.51 33.11 13.83
N THR D 82 4.30 32.91 13.31
CA THR D 82 3.67 31.61 13.45
C THR D 82 4.24 30.59 12.45
N LEU D 83 4.16 29.32 12.85
CA LEU D 83 4.47 28.19 11.97
C LEU D 83 3.17 27.58 11.49
N ALA D 84 3.14 27.24 10.20
CA ALA D 84 2.03 26.51 9.61
C ALA D 84 2.56 25.38 8.75
N MET D 85 1.70 24.42 8.44
CA MET D 85 2.13 23.27 7.66
C MET D 85 2.06 23.57 6.17
N ALA D 86 3.17 23.34 5.47
CA ALA D 86 3.12 23.31 4.03
C ALA D 86 2.37 22.07 3.56
N ARG D 87 1.82 22.15 2.36
CA ARG D 87 1.04 21.05 1.82
C ARG D 87 0.88 21.27 0.34
N THR D 88 0.39 20.25 -0.34
CA THR D 88 0.06 20.39 -1.76
C THR D 88 -1.43 20.68 -1.88
N GLN D 89 -1.99 20.51 -3.10
CA GLN D 89 -3.34 20.99 -3.37
C GLN D 89 -4.38 20.34 -2.47
N ALA D 90 -4.24 19.05 -2.18
CA ALA D 90 -5.22 18.35 -1.36
C ALA D 90 -5.17 18.86 0.08
N PRO D 91 -6.31 19.14 0.71
CA PRO D 91 -6.28 19.72 2.07
C PRO D 91 -5.54 18.87 3.09
N HIS D 92 -5.67 17.54 3.02
CA HIS D 92 -5.10 16.63 4.01
C HIS D 92 -3.78 16.04 3.55
N SER D 93 -2.93 16.84 2.91
CA SER D 93 -1.70 16.36 2.29
C SER D 93 -0.42 16.77 3.02
N ALA D 94 -0.50 17.52 4.11
CA ALA D 94 0.72 17.93 4.82
C ALA D 94 1.46 16.72 5.38
N THR D 95 2.79 16.75 5.29
CA THR D 95 3.62 15.71 5.86
C THR D 95 4.58 16.35 6.85
N ALA D 96 5.82 16.65 6.45
CA ALA D 96 6.82 17.17 7.36
C ALA D 96 7.17 18.64 7.13
N GLN D 97 6.88 19.19 5.96
CA GLN D 97 7.32 20.54 5.65
C GLN D 97 6.46 21.59 6.34
N PHE D 98 7.10 22.64 6.83
CA PHE D 98 6.42 23.72 7.53
C PHE D 98 6.99 25.04 7.01
N PHE D 99 6.32 26.13 7.33
CA PHE D 99 6.83 27.45 7.01
C PHE D 99 6.58 28.39 8.18
N ILE D 100 7.41 29.43 8.26
CA ILE D 100 7.29 30.50 9.25
C ILE D 100 6.84 31.75 8.51
N ASN D 101 5.70 32.30 8.87
CA ASN D 101 5.23 33.56 8.32
C ASN D 101 6.15 34.69 8.76
N ASP D 104 2.30 39.18 8.47
CA ASP D 104 0.96 38.62 8.58
C ASP D 104 0.50 38.22 7.20
N ASN D 105 0.08 36.97 7.04
CA ASN D 105 -0.42 36.45 5.77
C ASN D 105 -1.86 36.02 5.98
N ASP D 106 -2.76 36.99 6.03
CA ASP D 106 -4.17 36.69 6.34
C ASP D 106 -4.78 35.79 5.29
N PHE D 107 -4.35 35.91 4.03
CA PHE D 107 -4.93 35.12 2.94
C PHE D 107 -4.64 33.63 3.08
N LEU D 108 -3.74 33.22 3.98
CA LEU D 108 -3.47 31.81 4.23
C LEU D 108 -4.38 31.22 5.29
N ASN D 109 -5.21 32.02 5.94
CA ASN D 109 -6.04 31.54 7.03
C ASN D 109 -7.24 30.76 6.50
N PHE D 110 -7.62 29.72 7.24
CA PHE D 110 -8.82 28.96 6.95
C PHE D 110 -10.02 29.90 6.84
N SER D 111 -10.82 29.69 5.80
CA SER D 111 -12.11 30.36 5.66
C SER D 111 -13.27 29.40 5.45
N GLY D 112 -13.01 28.17 5.07
CA GLY D 112 -14.08 27.20 4.90
C GLY D 112 -13.48 25.93 4.34
N GLU D 113 -14.24 24.85 4.48
CA GLU D 113 -13.78 23.53 4.04
C GLU D 113 -14.02 23.38 2.54
N SER D 114 -13.09 23.94 1.77
CA SER D 114 -13.10 23.83 0.32
C SER D 114 -11.66 23.87 -0.16
N LEU D 115 -11.48 23.62 -1.47
CA LEU D 115 -10.13 23.65 -2.03
C LEU D 115 -9.51 25.03 -1.91
N GLN D 116 -10.30 26.08 -2.09
CA GLN D 116 -9.81 27.44 -1.99
C GLN D 116 -9.81 27.98 -0.57
N GLY D 117 -10.65 27.44 0.32
CA GLY D 117 -10.80 28.01 1.64
C GLY D 117 -10.09 27.31 2.78
N TRP D 118 -9.59 26.08 2.56
CA TRP D 118 -9.03 25.29 3.66
C TRP D 118 -7.83 25.98 4.31
N GLY D 119 -7.01 26.66 3.52
CA GLY D 119 -5.91 27.39 4.11
C GLY D 119 -4.83 26.49 4.69
N TYR D 120 -4.04 27.09 5.59
CA TYR D 120 -2.83 26.45 6.11
C TYR D 120 -2.88 26.46 7.62
N CYS D 121 -2.65 25.29 8.21
CA CYS D 121 -2.85 25.08 9.63
C CYS D 121 -1.69 25.60 10.47
N PHE D 123 0.18 25.87 13.97
CA PHE D 123 0.33 24.94 15.06
C PHE D 123 1.38 25.35 16.09
N ALA D 124 2.09 26.46 15.85
CA ALA D 124 3.17 26.85 16.73
C ALA D 124 3.55 28.30 16.42
N GLU D 125 4.44 28.86 17.24
CA GLU D 125 4.93 30.20 17.00
C GLU D 125 6.33 30.40 17.56
N ASP D 128 11.40 33.10 20.49
CA ASP D 128 12.73 33.73 20.55
C ASP D 128 13.44 33.30 19.27
N GLY D 129 14.31 34.17 18.76
CA GLY D 129 14.99 33.89 17.51
C GLY D 129 14.36 34.46 16.26
N MET D 130 13.41 35.39 16.39
CA MET D 130 12.92 36.00 15.17
C MET D 130 13.99 36.83 14.47
N ASP D 131 15.02 37.25 15.20
CA ASP D 131 16.18 37.86 14.58
C ASP D 131 16.86 36.91 13.61
N ASP D 134 14.66 36.58 10.55
CA ASP D 134 14.78 37.77 9.71
C ASP D 134 16.10 37.80 8.95
N LYS D 135 17.15 37.23 9.54
CA LYS D 135 18.39 37.04 8.80
C LYS D 135 18.16 36.08 7.64
N ILE D 136 17.48 34.95 7.90
CA ILE D 136 17.25 33.94 6.87
C ILE D 136 16.44 34.51 5.71
N LYS D 137 15.38 35.26 6.02
CA LYS D 137 14.50 35.72 4.96
C LYS D 137 15.18 36.68 3.98
N GLY D 138 16.30 37.29 4.38
CA GLY D 138 16.98 38.25 3.53
C GLY D 138 18.15 37.71 2.73
N ALA D 140 20.47 35.76 -0.17
CA ALA D 140 20.41 35.59 -1.61
C ALA D 140 19.85 34.20 -1.95
N THR D 141 18.98 34.14 -2.95
CA THR D 141 18.35 32.89 -3.39
C THR D 141 18.52 32.72 -4.88
N GLY D 142 18.26 31.51 -5.35
CA GLY D 142 18.31 31.20 -6.76
C GLY D 142 17.66 29.85 -7.03
N ARG D 143 17.93 29.31 -8.21
CA ARG D 143 17.27 28.09 -8.66
C ARG D 143 18.10 26.86 -8.33
N SER D 144 17.42 25.76 -7.99
CA SER D 144 18.03 24.44 -7.93
C SER D 144 17.12 23.50 -8.71
N GLY D 145 17.50 23.20 -9.95
CA GLY D 145 16.64 22.37 -10.79
C GLY D 145 15.29 23.04 -10.97
N MET D 146 14.22 22.32 -10.60
N MET D 146 14.22 22.33 -10.61
CA MET D 146 12.86 22.81 -10.67
CA MET D 146 12.89 22.91 -10.70
C MET D 146 12.46 23.67 -9.47
C MET D 146 12.59 23.88 -9.58
N HIS D 147 13.33 23.83 -8.49
CA HIS D 147 13.02 24.63 -7.30
C HIS D 147 13.49 26.07 -7.48
N GLN D 148 12.68 27.00 -6.98
CA GLN D 148 13.00 28.42 -6.98
C GLN D 148 13.10 28.91 -5.55
N ASP D 149 13.73 30.07 -5.38
CA ASP D 149 13.85 30.70 -4.08
C ASP D 149 14.67 29.86 -3.09
N PRO D 151 17.98 29.23 -1.01
CA PRO D 151 19.17 29.97 -0.58
C PRO D 151 20.46 29.49 -1.26
N LYS D 152 21.24 30.44 -1.74
CA LYS D 152 22.49 30.10 -2.44
C LYS D 152 23.48 29.44 -1.50
N GLU D 153 23.49 29.86 -0.24
CA GLU D 153 24.25 29.21 0.82
C GLU D 153 23.27 28.50 1.75
N ASP D 154 23.53 27.24 2.03
CA ASP D 154 22.56 26.44 2.77
C ASP D 154 22.26 27.00 4.15
N ILE D 156 20.82 25.61 7.36
CA ILE D 156 20.70 24.26 7.87
C ILE D 156 20.21 24.18 9.30
N ILE D 157 19.20 23.34 9.53
CA ILE D 157 18.84 22.90 10.88
C ILE D 157 19.78 21.75 11.23
N GLU D 158 20.72 22.00 12.13
CA GLU D 158 21.70 20.98 12.50
C GLU D 158 21.09 19.93 13.41
N SER D 159 20.30 20.38 14.39
CA SER D 159 19.72 19.50 15.38
C SER D 159 18.54 20.22 15.99
N THR D 161 16.16 20.56 19.77
CA THR D 161 15.98 20.21 21.17
C THR D 161 14.49 20.26 21.47
N SER D 163 11.76 19.96 24.48
CA SER D 163 11.47 19.93 25.90
C SER D 163 10.03 19.49 26.08
#